data_3M7F
#
_entry.id   3M7F
#
_cell.length_a   52.163
_cell.length_b   70.086
_cell.length_c   86.246
_cell.angle_alpha   90.00
_cell.angle_beta   90.00
_cell.angle_gamma   90.00
#
_symmetry.space_group_name_H-M   'P 21 21 21'
#
loop_
_entity.id
_entity.type
_entity.pdbx_description
1 polymer 'Growth factor receptor-bound protein 10'
2 polymer 'E3 ubiquitin-protein ligase NEDD4'
3 water water
#
loop_
_entity_poly.entity_id
_entity_poly.type
_entity_poly.pdbx_seq_one_letter_code
_entity_poly.pdbx_strand_id
1 'polypeptide(L)'
;IHRTQHWFHGRISREESHRIIKQQGLVDGLFLLRDSQSNPKAFVLTLCHHQKIKNFQILPCEDDGQTFFSLDDGNTKFSD
LIQLVDFYQLNKGVLPCKLKHHCIRVAL
;
A
2 'polypeptide(L)'
;ELHNDDTRVVRVKVIAGIGLAKKDILGASDPYVRVTLYDPMSGILTSVQTKTIKKSLNPKWNEEILFRVLPQRHRILFEV
FDENRLTRDDFLGQVDVPLYPLPTENPRMERPYTFKDFVLHPRSHKSRVKGYLRLKMTYLPKNGSEDENADQAEELEPGW
VVLDQPDAATHLPHPP
;
B
#
# COMPACT_ATOMS: atom_id res chain seq x y z
N ILE A 1 -18.28 3.20 -2.16
CA ILE A 1 -18.13 1.75 -2.05
C ILE A 1 -17.69 1.15 -3.39
N HIS A 2 -16.95 0.07 -3.28
CA HIS A 2 -16.42 -0.61 -4.44
C HIS A 2 -17.51 -1.23 -5.31
N ARG A 3 -18.78 -1.15 -4.88
CA ARG A 3 -19.85 -1.73 -5.67
C ARG A 3 -20.02 -0.96 -6.99
N THR A 4 -19.58 0.29 -7.01
CA THR A 4 -19.56 1.09 -8.21
C THR A 4 -18.25 1.01 -8.98
N GLN A 5 -17.30 0.20 -8.50
CA GLN A 5 -15.98 0.10 -9.12
C GLN A 5 -15.98 -0.91 -10.27
N HIS A 6 -15.49 -0.50 -11.43
CA HIS A 6 -15.55 -1.37 -12.62
C HIS A 6 -14.72 -2.67 -12.51
N TRP A 7 -13.73 -2.68 -11.61
CA TRP A 7 -12.94 -3.87 -11.40
C TRP A 7 -13.58 -4.83 -10.39
N PHE A 8 -14.68 -4.42 -9.76
CA PHE A 8 -15.33 -5.23 -8.75
C PHE A 8 -16.47 -6.03 -9.35
N HIS A 9 -16.38 -7.35 -9.24
CA HIS A 9 -17.31 -8.24 -9.94
C HIS A 9 -18.31 -8.90 -8.99
N GLY A 10 -18.20 -8.61 -7.70
CA GLY A 10 -19.15 -9.10 -6.72
C GLY A 10 -19.15 -10.61 -6.54
N ARG A 11 -20.34 -11.18 -6.42
CA ARG A 11 -20.46 -12.60 -6.08
C ARG A 11 -20.40 -13.52 -7.30
N ILE A 12 -19.21 -13.69 -7.85
CA ILE A 12 -18.96 -14.71 -8.87
C ILE A 12 -18.01 -15.73 -8.26
N SER A 13 -18.08 -16.97 -8.74
CA SER A 13 -17.22 -18.03 -8.21
C SER A 13 -15.80 -17.92 -8.71
N ARG A 14 -14.92 -18.74 -8.11
CA ARG A 14 -13.54 -18.89 -8.56
C ARG A 14 -13.55 -19.30 -10.01
N GLU A 15 -14.36 -20.32 -10.31
CA GLU A 15 -14.44 -20.86 -11.67
C GLU A 15 -14.89 -19.81 -12.69
N GLU A 16 -15.95 -19.07 -12.35
CA GLU A 16 -16.44 -17.99 -13.19
C GLU A 16 -15.38 -16.92 -13.46
N SER A 17 -14.60 -16.59 -12.44
CA SER A 17 -13.64 -15.50 -12.59
C SER A 17 -12.49 -15.97 -13.47
N HIS A 18 -12.11 -17.24 -13.35
CA HIS A 18 -11.10 -17.78 -14.24
C HIS A 18 -11.61 -17.79 -15.68
N ARG A 19 -12.88 -18.13 -15.85
CA ARG A 19 -13.47 -18.15 -17.19
C ARG A 19 -13.44 -16.74 -17.80
N ILE A 20 -13.68 -15.74 -16.97
CA ILE A 20 -13.71 -14.35 -17.43
C ILE A 20 -12.32 -13.90 -17.85
N ILE A 21 -11.33 -14.22 -17.02
CA ILE A 21 -9.97 -13.78 -17.31
C ILE A 21 -9.47 -14.42 -18.59
N LYS A 22 -9.76 -15.71 -18.77
CA LYS A 22 -9.35 -16.41 -19.98
C LYS A 22 -10.02 -15.79 -21.19
N GLN A 23 -11.33 -15.59 -21.11
CA GLN A 23 -12.07 -15.05 -22.24
C GLN A 23 -11.64 -13.63 -22.63
N GLN A 24 -11.18 -12.84 -21.66
CA GLN A 24 -10.71 -11.49 -21.98
C GLN A 24 -9.21 -11.40 -22.23
N GLY A 25 -8.59 -12.54 -22.54
CA GLY A 25 -7.27 -12.52 -23.12
C GLY A 25 -6.10 -13.10 -22.33
N LEU A 26 -6.33 -13.46 -21.07
CA LEU A 26 -5.27 -14.07 -20.28
C LEU A 26 -3.98 -13.22 -20.40
N VAL A 27 -4.15 -11.90 -20.32
CA VAL A 27 -3.03 -10.97 -20.44
C VAL A 27 -2.41 -10.64 -19.07
N ASP A 28 -1.09 -10.37 -19.06
CA ASP A 28 -0.39 -10.07 -17.81
C ASP A 28 -1.03 -8.86 -17.12
N GLY A 29 -1.30 -8.97 -15.83
CA GLY A 29 -1.83 -7.85 -15.07
C GLY A 29 -3.34 -7.69 -15.25
N LEU A 30 -3.95 -8.57 -16.03
CA LEU A 30 -5.41 -8.60 -16.10
C LEU A 30 -5.97 -9.09 -14.76
N PHE A 31 -6.94 -8.37 -14.21
CA PHE A 31 -7.42 -8.68 -12.87
C PHE A 31 -8.88 -8.33 -12.61
N LEU A 32 -9.40 -8.86 -11.51
CA LEU A 32 -10.70 -8.45 -11.01
C LEU A 32 -10.73 -8.72 -9.52
N LEU A 33 -11.61 -8.03 -8.81
CA LEU A 33 -11.89 -8.35 -7.42
C LEU A 33 -13.29 -8.87 -7.33
N ARG A 34 -13.52 -9.76 -6.37
CA ARG A 34 -14.82 -10.38 -6.17
C ARG A 34 -14.97 -10.73 -4.69
N ASP A 35 -16.16 -11.15 -4.31
CA ASP A 35 -16.43 -11.65 -2.96
C ASP A 35 -15.75 -12.99 -2.75
N SER A 36 -15.35 -13.26 -1.51
CA SER A 36 -14.83 -14.58 -1.16
C SER A 36 -15.97 -15.53 -0.86
N GLN A 37 -15.89 -16.76 -1.37
CA GLN A 37 -16.90 -17.77 -1.10
C GLN A 37 -16.65 -18.46 0.25
N SER A 38 -15.48 -18.23 0.84
CA SER A 38 -15.12 -18.95 2.06
C SER A 38 -15.15 -18.07 3.31
N ASN A 39 -15.49 -16.79 3.14
CA ASN A 39 -15.46 -15.83 4.23
C ASN A 39 -16.30 -14.64 3.83
N PRO A 40 -17.45 -14.47 4.49
CA PRO A 40 -18.41 -13.43 4.11
C PRO A 40 -17.87 -12.01 4.29
N LYS A 41 -16.77 -11.85 5.02
CA LYS A 41 -16.19 -10.51 5.19
C LYS A 41 -14.88 -10.30 4.40
N ALA A 42 -14.54 -11.26 3.55
CA ALA A 42 -13.32 -11.18 2.77
C ALA A 42 -13.59 -11.00 1.29
N PHE A 43 -12.57 -10.61 0.55
CA PHE A 43 -12.63 -10.51 -0.89
C PHE A 43 -11.46 -11.28 -1.49
N VAL A 44 -11.44 -11.35 -2.82
CA VAL A 44 -10.40 -12.08 -3.52
C VAL A 44 -9.95 -11.24 -4.72
N LEU A 45 -8.63 -11.15 -4.86
CA LEU A 45 -8.03 -10.55 -6.03
C LEU A 45 -7.68 -11.70 -6.96
N THR A 46 -8.26 -11.69 -8.17
CA THR A 46 -7.94 -12.69 -9.16
C THR A 46 -7.10 -12.04 -10.25
N LEU A 47 -5.90 -12.59 -10.48
CA LEU A 47 -4.88 -11.90 -11.28
C LEU A 47 -4.17 -12.87 -12.21
N CYS A 48 -4.01 -12.45 -13.46
CA CYS A 48 -3.36 -13.27 -14.47
C CYS A 48 -1.93 -12.79 -14.68
N HIS A 49 -1.00 -13.72 -14.79
CA HIS A 49 0.39 -13.39 -15.11
C HIS A 49 1.08 -14.63 -15.66
N HIS A 50 1.87 -14.45 -16.71
CA HIS A 50 2.48 -15.57 -17.42
C HIS A 50 1.47 -16.68 -17.71
N GLN A 51 0.27 -16.27 -18.13
CA GLN A 51 -0.75 -17.23 -18.53
C GLN A 51 -1.21 -18.11 -17.38
N LYS A 52 -0.94 -17.66 -16.15
CA LYS A 52 -1.43 -18.36 -14.97
C LYS A 52 -2.33 -17.45 -14.14
N ILE A 53 -3.40 -18.01 -13.57
CA ILE A 53 -4.33 -17.23 -12.79
C ILE A 53 -4.12 -17.53 -11.31
N LYS A 54 -3.89 -16.48 -10.52
CA LYS A 54 -3.70 -16.63 -9.09
C LYS A 54 -4.82 -15.92 -8.34
N ASN A 55 -5.21 -16.51 -7.21
CA ASN A 55 -6.19 -15.90 -6.34
C ASN A 55 -5.53 -15.50 -5.02
N PHE A 56 -5.76 -14.26 -4.60
CA PHE A 56 -5.21 -13.74 -3.35
C PHE A 56 -6.35 -13.35 -2.42
N GLN A 57 -6.44 -13.98 -1.26
CA GLN A 57 -7.49 -13.60 -0.31
C GLN A 57 -7.13 -12.27 0.36
N ILE A 58 -8.12 -11.39 0.39
CA ILE A 58 -8.03 -10.06 0.96
C ILE A 58 -8.81 -10.14 2.26
N LEU A 59 -8.10 -10.16 3.39
CA LEU A 59 -8.73 -10.38 4.69
C LEU A 59 -8.91 -9.07 5.44
N PRO A 60 -10.02 -8.94 6.18
CA PRO A 60 -10.24 -7.76 7.01
C PRO A 60 -9.59 -7.94 8.37
N CYS A 61 -9.30 -6.81 9.01
CA CYS A 61 -8.95 -6.79 10.43
C CYS A 61 -9.50 -5.49 10.99
N GLU A 62 -9.79 -5.46 12.28
CA GLU A 62 -10.28 -4.21 12.86
C GLU A 62 -9.23 -3.57 13.73
N ASP A 63 -8.88 -2.33 13.38
CA ASP A 63 -7.99 -1.52 14.21
C ASP A 63 -8.79 -0.34 14.74
N ASP A 64 -9.03 -0.34 16.05
CA ASP A 64 -9.75 0.75 16.72
C ASP A 64 -11.07 1.10 16.05
N GLY A 65 -11.92 0.11 15.83
CA GLY A 65 -13.25 0.35 15.28
C GLY A 65 -13.32 0.45 13.76
N GLN A 66 -12.16 0.59 13.11
CA GLN A 66 -12.12 0.69 11.66
C GLN A 66 -11.55 -0.56 11.01
N THR A 67 -12.16 -0.98 9.91
CA THR A 67 -11.72 -2.17 9.21
C THR A 67 -10.65 -1.83 8.19
N PHE A 68 -9.58 -2.61 8.20
CA PHE A 68 -8.56 -2.52 7.16
C PHE A 68 -8.44 -3.86 6.46
N PHE A 69 -7.93 -3.82 5.25
CA PHE A 69 -7.82 -5.02 4.44
C PHE A 69 -6.39 -5.28 4.03
N SER A 70 -6.06 -6.54 3.86
CA SER A 70 -4.70 -6.95 3.51
C SER A 70 -4.70 -8.30 2.81
N LEU A 71 -3.86 -8.44 1.79
CA LEU A 71 -3.65 -9.76 1.16
C LEU A 71 -2.27 -10.35 1.47
N ASP A 72 -1.51 -9.67 2.32
CA ASP A 72 -0.16 -10.13 2.66
C ASP A 72 0.06 -10.18 4.16
N ASP A 73 -0.97 -10.62 4.88
CA ASP A 73 -0.92 -10.89 6.31
C ASP A 73 -0.60 -9.65 7.13
N GLY A 74 -1.08 -8.49 6.69
CA GLY A 74 -0.96 -7.29 7.49
C GLY A 74 0.26 -6.42 7.22
N ASN A 75 1.15 -6.88 6.35
CA ASN A 75 2.29 -6.06 6.00
C ASN A 75 1.88 -4.80 5.27
N THR A 76 0.88 -4.95 4.41
CA THR A 76 0.34 -3.83 3.65
C THR A 76 -1.16 -3.83 3.89
N LYS A 77 -1.66 -2.75 4.48
CA LYS A 77 -3.06 -2.63 4.89
C LYS A 77 -3.71 -1.45 4.19
N PHE A 78 -5.02 -1.56 3.94
CA PHE A 78 -5.75 -0.55 3.19
C PHE A 78 -7.08 -0.25 3.87
N SER A 79 -7.53 0.99 3.80
CA SER A 79 -8.80 1.36 4.44
C SER A 79 -9.98 0.79 3.66
N ASP A 80 -9.78 0.44 2.39
CA ASP A 80 -10.87 -0.06 1.55
C ASP A 80 -10.30 -0.67 0.28
N LEU A 81 -11.17 -1.22 -0.57
CA LEU A 81 -10.67 -1.90 -1.76
C LEU A 81 -10.15 -0.91 -2.80
N ILE A 82 -10.64 0.32 -2.75
CA ILE A 82 -10.19 1.32 -3.70
C ILE A 82 -8.70 1.64 -3.45
N GLN A 83 -8.34 1.81 -2.18
CA GLN A 83 -6.94 2.03 -1.82
C GLN A 83 -6.08 0.85 -2.22
N LEU A 84 -6.62 -0.35 -2.00
CA LEU A 84 -5.89 -1.56 -2.36
C LEU A 84 -5.57 -1.59 -3.86
N VAL A 85 -6.59 -1.35 -4.69
CA VAL A 85 -6.35 -1.38 -6.13
C VAL A 85 -5.45 -0.25 -6.59
N ASP A 86 -5.68 0.96 -6.08
CA ASP A 86 -4.78 2.08 -6.40
C ASP A 86 -3.32 1.75 -6.06
N PHE A 87 -3.10 1.02 -4.97
CA PHE A 87 -1.76 0.72 -4.55
C PHE A 87 -1.10 -0.31 -5.46
N TYR A 88 -1.81 -1.40 -5.77
CA TYR A 88 -1.21 -2.48 -6.56
C TYR A 88 -1.19 -2.18 -8.06
N GLN A 89 -1.85 -1.11 -8.46
CA GLN A 89 -1.65 -0.59 -9.81
C GLN A 89 -0.28 0.08 -9.90
N LEU A 90 0.27 0.50 -8.75
CA LEU A 90 1.53 1.27 -8.73
C LEU A 90 2.71 0.51 -8.13
N ASN A 91 2.41 -0.57 -7.39
CA ASN A 91 3.44 -1.35 -6.71
C ASN A 91 3.14 -2.84 -6.84
N LYS A 92 4.16 -3.63 -7.13
CA LYS A 92 4.00 -5.09 -7.22
C LYS A 92 3.74 -5.71 -5.85
N GLY A 93 4.46 -5.27 -4.83
CA GLY A 93 4.41 -5.93 -3.54
C GLY A 93 4.60 -7.44 -3.70
N VAL A 94 3.76 -8.23 -3.03
CA VAL A 94 3.86 -9.70 -3.10
C VAL A 94 3.27 -10.32 -4.36
N LEU A 95 2.59 -9.52 -5.18
CA LEU A 95 1.97 -10.03 -6.39
C LEU A 95 3.01 -10.39 -7.46
N PRO A 96 2.64 -11.25 -8.41
CA PRO A 96 3.59 -11.59 -9.49
C PRO A 96 3.86 -10.40 -10.40
N CYS A 97 2.96 -9.42 -10.40
CA CYS A 97 3.09 -8.27 -11.28
C CYS A 97 2.09 -7.23 -10.81
N LYS A 98 2.21 -6.01 -11.30
CA LYS A 98 1.28 -4.98 -10.93
C LYS A 98 -0.09 -5.22 -11.60
N LEU A 99 -1.12 -4.61 -11.03
CA LEU A 99 -2.45 -4.68 -11.62
C LEU A 99 -2.45 -3.76 -12.81
N LYS A 100 -2.98 -4.23 -13.93
CA LYS A 100 -2.87 -3.44 -15.14
C LYS A 100 -4.22 -3.10 -15.77
N HIS A 101 -4.97 -4.13 -16.16
CA HIS A 101 -6.26 -3.91 -16.81
C HIS A 101 -7.31 -4.68 -16.06
N HIS A 102 -8.43 -4.05 -15.76
CA HIS A 102 -9.50 -4.79 -15.11
C HIS A 102 -10.31 -5.56 -16.16
N CYS A 103 -10.84 -6.72 -15.77
CA CYS A 103 -11.85 -7.39 -16.58
C CYS A 103 -13.14 -6.58 -16.52
N ILE A 104 -13.84 -6.52 -17.64
CA ILE A 104 -15.14 -5.88 -17.67
C ILE A 104 -16.14 -6.88 -17.13
N ARG A 105 -17.08 -6.41 -16.31
CA ARG A 105 -18.12 -7.27 -15.77
C ARG A 105 -18.95 -7.94 -16.87
N VAL A 106 -19.38 -9.17 -16.59
CA VAL A 106 -20.23 -9.92 -17.50
C VAL A 106 -21.58 -10.24 -16.85
N ALA A 107 -22.65 -10.06 -17.60
CA ALA A 107 -24.01 -10.28 -17.09
C ALA A 107 -24.20 -11.72 -16.63
N GLU B 1 -15.17 4.37 -5.52
CA GLU B 1 -15.27 5.74 -5.99
C GLU B 1 -14.71 5.93 -7.42
N LEU B 2 -15.19 7.00 -8.05
CA LEU B 2 -14.70 7.42 -9.36
C LEU B 2 -13.28 7.94 -9.21
N HIS B 3 -12.55 7.97 -10.31
CA HIS B 3 -11.20 8.52 -10.31
C HIS B 3 -11.28 9.98 -9.88
N ASN B 4 -10.30 10.41 -9.08
CA ASN B 4 -10.23 11.81 -8.65
C ASN B 4 -9.10 12.53 -9.40
N ASP B 5 -9.48 13.40 -10.32
CA ASP B 5 -8.51 14.08 -11.17
C ASP B 5 -7.54 14.98 -10.42
N ASP B 6 -7.83 15.28 -9.16
CA ASP B 6 -6.87 16.03 -8.35
C ASP B 6 -5.73 15.18 -7.78
N THR B 7 -5.82 13.86 -7.91
CA THR B 7 -4.76 13.00 -7.35
C THR B 7 -3.45 13.08 -8.13
N ARG B 8 -2.34 12.86 -7.45
CA ARG B 8 -1.03 12.74 -8.09
C ARG B 8 -0.37 11.49 -7.56
N VAL B 9 0.62 10.97 -8.26
CA VAL B 9 1.37 9.83 -7.75
C VAL B 9 2.71 10.30 -7.20
N VAL B 10 2.93 10.07 -5.91
CA VAL B 10 4.18 10.43 -5.25
C VAL B 10 5.07 9.19 -5.17
N ARG B 11 6.31 9.36 -5.59
CA ARG B 11 7.30 8.30 -5.48
C ARG B 11 8.06 8.54 -4.19
N VAL B 12 7.96 7.60 -3.27
CA VAL B 12 8.62 7.72 -1.98
C VAL B 12 9.80 6.75 -1.90
N LYS B 13 11.01 7.27 -1.82
CA LYS B 13 12.17 6.42 -1.57
C LYS B 13 12.51 6.42 -0.08
N VAL B 14 12.40 5.27 0.56
CA VAL B 14 12.85 5.12 1.94
C VAL B 14 14.30 4.61 1.84
N ILE B 15 15.26 5.52 1.99
CA ILE B 15 16.64 5.18 1.67
C ILE B 15 17.37 4.51 2.85
N ALA B 16 17.51 5.23 3.97
CA ALA B 16 18.34 4.73 5.06
C ALA B 16 17.98 5.39 6.38
N GLY B 17 18.30 4.70 7.46
CA GLY B 17 18.30 5.31 8.78
C GLY B 17 19.74 5.65 9.11
N ILE B 18 19.96 6.79 9.76
CA ILE B 18 21.32 7.23 10.10
C ILE B 18 21.43 7.45 11.60
N GLY B 19 22.34 6.72 12.26
CA GLY B 19 22.58 6.90 13.68
C GLY B 19 21.37 6.66 14.58
N LEU B 20 20.68 5.54 14.39
CA LEU B 20 19.51 5.23 15.21
C LEU B 20 19.91 4.96 16.68
N ALA B 21 18.97 5.18 17.59
CA ALA B 21 19.18 4.96 19.01
C ALA B 21 18.83 3.52 19.40
N ILE B 25 23.77 -1.32 24.20
CA ILE B 25 25.16 -1.77 24.28
C ILE B 25 25.62 -2.34 22.95
N LEU B 26 25.12 -3.53 22.62
CA LEU B 26 25.44 -4.21 21.37
C LEU B 26 24.94 -3.42 20.16
N GLY B 27 23.87 -2.66 20.36
CA GLY B 27 23.23 -1.96 19.27
C GLY B 27 22.52 -2.93 18.34
N ALA B 28 22.04 -4.03 18.93
CA ALA B 28 21.31 -5.03 18.16
C ALA B 28 19.86 -4.63 17.92
N SER B 29 19.64 -3.61 17.11
CA SER B 29 18.30 -3.32 16.60
C SER B 29 18.13 -3.92 15.21
N ASP B 30 16.91 -4.38 14.91
CA ASP B 30 16.56 -4.84 13.58
C ASP B 30 15.50 -3.91 12.98
N PRO B 31 15.93 -2.78 12.40
CA PRO B 31 14.99 -1.72 12.05
C PRO B 31 14.17 -1.97 10.77
N TYR B 32 12.91 -1.52 10.81
CA TYR B 32 12.14 -1.36 9.58
C TYR B 32 11.33 -0.07 9.69
N VAL B 33 10.76 0.34 8.57
CA VAL B 33 9.92 1.52 8.55
C VAL B 33 8.50 1.15 8.19
N ARG B 34 7.56 1.62 9.01
CA ARG B 34 6.14 1.55 8.68
C ARG B 34 5.79 2.89 8.03
N VAL B 35 5.33 2.84 6.78
CA VAL B 35 5.06 4.05 6.00
C VAL B 35 3.54 4.20 5.85
N THR B 36 2.99 5.26 6.43
CA THR B 36 1.52 5.35 6.54
C THR B 36 0.93 6.57 5.88
N LEU B 37 0.26 6.33 4.74
CA LEU B 37 -0.47 7.38 4.05
C LEU B 37 -1.81 7.58 4.76
N TYR B 38 -2.11 8.80 5.14
CA TYR B 38 -3.36 9.03 5.86
C TYR B 38 -3.95 10.39 5.54
N ASP B 39 -5.25 10.50 5.84
CA ASP B 39 -5.96 11.75 5.79
C ASP B 39 -6.27 12.15 7.23
N PRO B 40 -5.73 13.29 7.69
CA PRO B 40 -5.94 13.70 9.09
C PRO B 40 -7.41 13.66 9.52
N MET B 41 -8.34 13.91 8.59
CA MET B 41 -9.74 14.02 8.93
C MET B 41 -10.52 12.72 8.86
N SER B 42 -9.94 11.69 8.24
CA SER B 42 -10.66 10.43 8.06
C SER B 42 -9.83 9.18 8.42
N GLY B 43 -8.52 9.34 8.51
CA GLY B 43 -7.67 8.26 9.00
C GLY B 43 -6.75 7.63 7.97
N ILE B 44 -6.17 6.51 8.37
CA ILE B 44 -5.20 5.78 7.56
C ILE B 44 -5.85 5.31 6.27
N LEU B 45 -5.13 5.49 5.16
CA LEU B 45 -5.60 5.03 3.85
C LEU B 45 -4.84 3.77 3.45
N THR B 46 -3.52 3.83 3.54
CA THR B 46 -2.66 2.71 3.18
C THR B 46 -1.47 2.69 4.12
N SER B 47 -1.13 1.52 4.65
CA SER B 47 0.06 1.41 5.49
C SER B 47 0.93 0.30 4.93
N VAL B 48 2.23 0.60 4.78
CA VAL B 48 3.20 -0.33 4.21
C VAL B 48 4.45 -0.45 5.07
N GLN B 49 4.99 -1.66 5.15
CA GLN B 49 6.20 -1.90 5.94
C GLN B 49 7.34 -2.23 5.01
N THR B 50 8.49 -1.57 5.21
CA THR B 50 9.68 -1.93 4.45
C THR B 50 10.20 -3.25 4.99
N LYS B 51 11.18 -3.83 4.30
CA LYS B 51 11.88 -4.99 4.84
C LYS B 51 12.60 -4.63 6.14
N THR B 52 12.90 -5.64 6.95
CA THR B 52 13.68 -5.43 8.15
C THR B 52 15.16 -5.62 7.85
N ILE B 53 16.01 -4.79 8.44
CA ILE B 53 17.46 -5.00 8.35
C ILE B 53 18.00 -5.44 9.70
N LYS B 54 18.73 -6.56 9.70
CA LYS B 54 19.19 -7.16 10.94
C LYS B 54 20.41 -6.49 11.54
N LYS B 55 20.34 -6.23 12.84
CA LYS B 55 21.48 -5.77 13.64
C LYS B 55 22.20 -4.56 13.05
N SER B 56 21.45 -3.47 12.90
CA SER B 56 22.02 -2.24 12.35
C SER B 56 21.44 -0.99 12.97
N LEU B 57 22.28 0.02 13.13
CA LEU B 57 21.85 1.34 13.57
C LEU B 57 21.92 2.33 12.41
N ASN B 58 22.37 1.84 11.26
CA ASN B 58 22.40 2.61 10.01
C ASN B 58 21.91 1.77 8.84
N PRO B 59 20.65 1.34 8.91
CA PRO B 59 20.08 0.43 7.91
C PRO B 59 19.89 1.12 6.57
N LYS B 60 20.23 0.43 5.49
CA LYS B 60 19.97 0.96 4.15
C LYS B 60 18.90 0.12 3.48
N TRP B 61 17.66 0.58 3.54
CA TRP B 61 16.54 -0.14 2.93
C TRP B 61 16.50 0.05 1.42
N ASN B 62 16.78 1.27 0.97
CA ASN B 62 16.68 1.62 -0.45
C ASN B 62 15.40 1.07 -1.08
N GLU B 63 14.28 1.30 -0.42
CA GLU B 63 13.01 0.81 -0.94
C GLU B 63 12.19 1.94 -1.49
N GLU B 64 11.41 1.64 -2.53
CA GLU B 64 10.60 2.64 -3.18
C GLU B 64 9.13 2.27 -3.13
N ILE B 65 8.29 3.25 -2.82
CA ILE B 65 6.86 3.02 -2.71
C ILE B 65 6.14 4.15 -3.41
N LEU B 66 5.17 3.80 -4.26
CA LEU B 66 4.37 4.80 -4.96
C LEU B 66 2.97 4.88 -4.35
N PHE B 67 2.49 6.10 -4.13
CA PHE B 67 1.15 6.28 -3.58
C PHE B 67 0.39 7.24 -4.48
N ARG B 68 -0.88 6.94 -4.74
CA ARG B 68 -1.78 7.95 -5.32
C ARG B 68 -2.35 8.77 -4.18
N VAL B 69 -2.19 10.08 -4.26
CA VAL B 69 -2.50 10.95 -3.13
C VAL B 69 -3.20 12.22 -3.54
N LEU B 70 -3.86 12.86 -2.57
CA LEU B 70 -4.31 14.24 -2.72
C LEU B 70 -3.27 15.15 -2.08
N PRO B 71 -2.46 15.82 -2.89
CA PRO B 71 -1.29 16.53 -2.38
C PRO B 71 -1.61 17.49 -1.24
N GLN B 72 -2.78 18.12 -1.31
CA GLN B 72 -3.13 19.20 -0.40
C GLN B 72 -3.78 18.71 0.89
N ARG B 73 -4.18 17.44 0.92
CA ARG B 73 -4.90 16.92 2.08
C ARG B 73 -4.15 15.80 2.81
N HIS B 74 -3.54 14.90 2.06
CA HIS B 74 -2.96 13.69 2.64
C HIS B 74 -1.57 13.96 3.21
N ARG B 75 -1.13 13.06 4.09
CA ARG B 75 0.15 13.18 4.76
C ARG B 75 0.77 11.80 4.84
N ILE B 76 2.08 11.72 5.05
CA ILE B 76 2.68 10.43 5.26
C ILE B 76 3.44 10.42 6.58
N LEU B 77 3.13 9.42 7.40
CA LEU B 77 3.83 9.21 8.66
C LEU B 77 4.83 8.08 8.45
N PHE B 78 6.08 8.33 8.84
CA PHE B 78 7.13 7.32 8.80
C PHE B 78 7.48 6.97 10.24
N GLU B 79 7.41 5.68 10.57
CA GLU B 79 7.75 5.22 11.91
C GLU B 79 8.81 4.13 11.79
N VAL B 80 9.92 4.33 12.49
CA VAL B 80 10.98 3.34 12.48
C VAL B 80 10.79 2.42 13.68
N PHE B 81 10.78 1.11 13.45
CA PHE B 81 10.61 0.18 14.55
C PHE B 81 11.76 -0.82 14.62
N ASP B 82 12.03 -1.31 15.82
CA ASP B 82 12.96 -2.41 16.05
C ASP B 82 12.14 -3.71 16.06
N GLU B 83 12.32 -4.54 15.04
CA GLU B 83 11.58 -5.77 14.90
C GLU B 83 11.81 -6.74 16.05
N ASN B 84 12.88 -6.53 16.81
CA ASN B 84 13.15 -7.33 18.00
C ASN B 84 12.10 -7.10 19.08
N ASP B 89 6.32 -3.40 18.61
CA ASP B 89 7.76 -3.26 18.45
C ASP B 89 8.28 -1.98 19.06
N ASP B 90 9.55 -1.96 19.44
CA ASP B 90 10.10 -0.77 20.07
C ASP B 90 10.29 0.38 19.08
N PHE B 91 9.99 1.59 19.55
CA PHE B 91 9.92 2.78 18.73
C PHE B 91 11.30 3.41 18.57
N LEU B 92 11.68 3.70 17.32
CA LEU B 92 12.98 4.31 17.04
C LEU B 92 12.84 5.71 16.44
N GLY B 93 11.61 6.23 16.36
CA GLY B 93 11.40 7.58 15.88
C GLY B 93 10.45 7.71 14.69
N GLN B 94 9.93 8.92 14.49
CA GLN B 94 8.95 9.18 13.44
C GLN B 94 9.24 10.48 12.71
N VAL B 95 8.74 10.53 11.48
CA VAL B 95 8.82 11.70 10.60
C VAL B 95 7.42 11.81 9.99
N ASP B 96 6.81 12.98 10.09
CA ASP B 96 5.45 13.14 9.56
C ASP B 96 5.43 14.34 8.63
N VAL B 97 5.15 14.08 7.35
CA VAL B 97 5.27 15.11 6.33
C VAL B 97 3.97 15.39 5.57
N PRO B 98 3.82 16.63 5.10
CA PRO B 98 2.76 16.91 4.12
C PRO B 98 3.21 16.46 2.74
N LEU B 99 2.32 16.46 1.77
CA LEU B 99 2.65 15.98 0.43
C LEU B 99 2.68 17.13 -0.57
N TYR B 100 2.88 18.33 -0.04
CA TYR B 100 2.91 19.53 -0.84
C TYR B 100 3.67 20.59 -0.04
N PRO B 101 4.56 21.34 -0.71
CA PRO B 101 4.88 21.19 -2.13
C PRO B 101 5.99 20.16 -2.32
N LEU B 102 5.94 19.42 -3.42
CA LEU B 102 7.04 18.54 -3.80
C LEU B 102 7.35 18.78 -5.26
N PRO B 103 8.60 18.56 -5.66
CA PRO B 103 8.95 18.73 -7.07
C PRO B 103 8.45 17.58 -7.92
N THR B 104 8.21 17.86 -9.19
CA THR B 104 7.82 16.83 -10.15
C THR B 104 9.05 16.35 -10.90
N GLU B 105 9.13 15.03 -11.11
CA GLU B 105 10.27 14.45 -11.81
C GLU B 105 9.99 14.34 -13.29
N PRO B 112 18.74 14.60 -11.47
CA PRO B 112 17.70 14.21 -10.50
C PRO B 112 17.58 15.20 -9.35
N TYR B 113 16.48 15.13 -8.61
CA TYR B 113 16.35 15.85 -7.35
C TYR B 113 16.97 14.98 -6.27
N THR B 114 17.17 15.54 -5.08
CA THR B 114 17.94 14.83 -4.07
C THR B 114 17.20 14.58 -2.76
N PHE B 115 17.75 13.66 -1.97
CA PHE B 115 17.15 13.22 -0.72
C PHE B 115 17.25 14.32 0.34
N LYS B 116 16.52 14.12 1.43
CA LYS B 116 16.65 14.95 2.62
C LYS B 116 16.83 14.02 3.82
N ASP B 117 17.65 14.43 4.77
CA ASP B 117 17.82 13.68 6.01
C ASP B 117 16.90 14.26 7.07
N PHE B 118 15.73 13.65 7.24
CA PHE B 118 14.75 14.12 8.22
C PHE B 118 15.12 13.74 9.64
N VAL B 119 14.97 14.68 10.56
CA VAL B 119 15.19 14.44 11.97
C VAL B 119 14.13 13.48 12.48
N LEU B 120 14.54 12.45 13.22
CA LEU B 120 13.55 11.56 13.83
C LEU B 120 13.06 12.14 15.15
N HIS B 121 11.75 12.11 15.38
CA HIS B 121 11.16 12.66 16.59
C HIS B 121 10.62 11.57 17.50
N PRO B 122 10.64 11.83 18.82
CA PRO B 122 10.04 10.93 19.80
C PRO B 122 8.52 11.05 19.73
N ARG B 123 7.80 10.12 20.32
CA ARG B 123 6.35 10.26 20.42
C ARG B 123 5.87 10.34 21.87
N SER B 124 6.80 10.14 22.80
CA SER B 124 6.45 10.18 24.22
C SER B 124 7.68 10.50 25.05
N HIS B 125 7.46 10.98 26.26
CA HIS B 125 8.56 11.34 27.16
C HIS B 125 9.48 10.16 27.44
N LYS B 126 8.97 8.95 27.30
CA LYS B 126 9.77 7.75 27.49
C LYS B 126 10.46 7.31 26.20
N SER B 127 10.09 7.93 25.08
CA SER B 127 10.84 7.75 23.85
C SER B 127 12.23 8.34 24.02
N ARG B 128 13.24 7.55 23.68
CA ARG B 128 14.52 8.17 23.37
C ARG B 128 14.93 7.77 21.97
N VAL B 129 14.90 8.76 21.09
CA VAL B 129 15.21 8.54 19.70
C VAL B 129 16.31 9.50 19.27
N LYS B 130 17.08 9.08 18.29
CA LYS B 130 18.10 9.94 17.71
C LYS B 130 18.29 9.59 16.25
N GLY B 131 19.08 10.40 15.56
CA GLY B 131 19.43 10.10 14.19
C GLY B 131 18.43 10.63 13.20
N TYR B 132 18.58 10.20 11.96
CA TYR B 132 17.81 10.76 10.86
C TYR B 132 17.24 9.64 9.98
N LEU B 133 16.18 9.99 9.27
CA LEU B 133 15.61 9.12 8.24
C LEU B 133 15.81 9.80 6.89
N ARG B 134 16.58 9.17 6.02
CA ARG B 134 16.89 9.73 4.72
C ARG B 134 15.81 9.32 3.70
N LEU B 135 15.13 10.31 3.13
CA LEU B 135 13.98 10.09 2.25
C LEU B 135 14.08 10.95 1.01
N LYS B 136 13.55 10.43 -0.10
CA LYS B 136 13.36 11.26 -1.27
C LYS B 136 11.91 11.10 -1.72
N MET B 137 11.27 12.22 -2.02
CA MET B 137 9.85 12.22 -2.40
C MET B 137 9.63 13.18 -3.54
N THR B 138 9.07 12.66 -4.62
CA THR B 138 8.84 13.44 -5.82
C THR B 138 7.53 13.00 -6.44
N TYR B 139 6.92 13.87 -7.23
CA TYR B 139 5.74 13.50 -8.00
C TYR B 139 6.13 12.95 -9.36
N LEU B 140 5.42 11.92 -9.80
CA LEU B 140 5.50 11.55 -11.21
C LEU B 140 4.87 12.65 -12.07
N PRO B 141 5.34 12.81 -13.31
CA PRO B 141 4.78 13.83 -14.23
C PRO B 141 3.27 13.73 -14.35
N THR B 170 -25.97 -1.88 -23.50
CA THR B 170 -26.32 -0.48 -23.23
C THR B 170 -25.64 0.03 -21.95
N HIS B 171 -25.43 -0.83 -20.98
CA HIS B 171 -24.80 -0.41 -19.73
C HIS B 171 -24.06 -1.54 -19.02
N LEU B 172 -23.16 -1.17 -18.11
CA LEU B 172 -22.42 -2.15 -17.33
C LEU B 172 -23.38 -2.81 -16.34
N PRO B 173 -23.38 -4.16 -16.31
CA PRO B 173 -24.25 -4.86 -15.36
C PRO B 173 -23.78 -4.62 -13.94
N HIS B 174 -24.70 -4.61 -12.99
CA HIS B 174 -24.31 -4.48 -11.58
C HIS B 174 -23.65 -5.77 -11.10
N PRO B 175 -22.77 -5.67 -10.09
CA PRO B 175 -22.20 -6.90 -9.55
C PRO B 175 -23.22 -7.62 -8.67
N PRO B 176 -23.36 -8.94 -8.83
CA PRO B 176 -24.26 -9.76 -8.01
C PRO B 176 -23.79 -9.86 -6.57
#